data_8DAJ
#
_entry.id   8DAJ
#
_cell.length_a   45.510
_cell.length_b   45.510
_cell.length_c   211.260
_cell.angle_alpha   90.000
_cell.angle_beta   90.000
_cell.angle_gamma   120.000
#
_symmetry.space_group_name_H-M   'P 31 2 1'
#
loop_
_entity.id
_entity.type
_entity.pdbx_description
1 polymer 'Esterase, PHB depolymerase family'
2 non-polymer 1,2-ETHANEDIOL
3 non-polymer 'ISOPROPYL ALCOHOL'
4 water water
#
_entity_poly.entity_id   1
_entity_poly.type   'polypeptide(L)'
_entity_poly.pdbx_seq_one_letter_code
;GPAGQFIRDTAPDGRVYKLYIPSGYNGSTPLPLVVMLHGCTQNPDDFAAGTEMNVYAEQNNFLVAYPEQPSSANLNKCWN
WFDSNHQSRGRGEPASIAGVVEDVKRNYSVDSRRVYAAGLSAGGAMSVIMGATYPDVFAAIGVGSGLEYKAATSMTSAYM
AMINGGPDPVQQGNLAYQAMGSHARVVPVIVFHGTSDYTVYPVNGHQVISQWAQTNDRAGDGVDNNHIDDQADVTMNGSV
PNGRTYTRYLYKDQNGNVVMEKIMVNGMGHAWSGGSTAGTYTDPAGPEASSMMWSFFVNHPK
;
_entity_poly.pdbx_strand_id   A
#
loop_
_chem_comp.id
_chem_comp.type
_chem_comp.name
_chem_comp.formula
EDO non-polymer 1,2-ETHANEDIOL 'C2 H6 O2'
IPA non-polymer 'ISOPROPYL ALCOHOL' 'C3 H8 O'
#
# COMPACT_ATOMS: atom_id res chain seq x y z
N GLY A 1 -8.33 -32.39 1.90
CA GLY A 1 -7.88 -31.28 2.72
C GLY A 1 -8.56 -29.98 2.32
N PRO A 2 -8.34 -28.93 3.10
CA PRO A 2 -9.02 -27.66 2.82
C PRO A 2 -8.61 -27.05 1.49
N ALA A 3 -9.45 -26.14 1.02
CA ALA A 3 -9.21 -25.44 -0.24
C ALA A 3 -9.38 -23.94 -0.04
N GLY A 4 -8.48 -23.15 -0.62
CA GLY A 4 -8.62 -21.71 -0.56
C GLY A 4 -9.84 -21.22 -1.31
N GLN A 5 -10.37 -20.08 -0.88
CA GLN A 5 -11.62 -19.53 -1.42
C GLN A 5 -11.50 -18.02 -1.55
N PHE A 6 -11.99 -17.49 -2.67
CA PHE A 6 -11.98 -16.04 -2.92
C PHE A 6 -13.43 -15.60 -2.96
N ILE A 7 -13.91 -15.03 -1.86
N ILE A 7 -13.93 -15.05 -1.85
CA ILE A 7 -15.33 -14.72 -1.68
CA ILE A 7 -15.34 -14.78 -1.71
C ILE A 7 -15.62 -13.23 -1.79
C ILE A 7 -15.59 -13.28 -1.77
N ARG A 8 -16.88 -12.85 -1.72
N ARG A 8 -16.85 -12.90 -1.76
CA ARG A 8 -17.28 -11.45 -1.81
CA ARG A 8 -17.21 -11.50 -1.70
C ARG A 8 -18.30 -11.15 -0.72
C ARG A 8 -18.12 -11.25 -0.51
N ASP A 9 -18.11 -10.01 -0.04
CA ASP A 9 -19.00 -9.58 1.02
C ASP A 9 -19.20 -8.09 0.88
N THR A 10 -20.10 -7.55 1.69
CA THR A 10 -20.26 -6.13 1.85
C THR A 10 -20.08 -5.78 3.33
N ALA A 11 -19.40 -4.68 3.59
CA ALA A 11 -19.23 -4.16 4.93
C ALA A 11 -20.51 -3.42 5.32
N PRO A 12 -20.65 -3.03 6.60
CA PRO A 12 -21.88 -2.35 7.02
C PRO A 12 -22.25 -1.11 6.22
N ASP A 13 -21.27 -0.33 5.76
CA ASP A 13 -21.57 0.86 4.98
C ASP A 13 -21.87 0.56 3.53
N GLY A 14 -21.93 -0.71 3.13
CA GLY A 14 -22.17 -1.08 1.76
C GLY A 14 -20.92 -1.29 0.93
N ARG A 15 -19.74 -1.05 1.47
CA ARG A 15 -18.51 -1.23 0.69
C ARG A 15 -18.38 -2.70 0.28
N VAL A 16 -18.28 -2.93 -1.02
CA VAL A 16 -18.03 -4.28 -1.52
C VAL A 16 -16.56 -4.61 -1.34
N TYR A 17 -16.27 -5.83 -0.92
CA TYR A 17 -14.89 -6.29 -0.89
C TYR A 17 -14.84 -7.78 -1.18
N LYS A 18 -13.73 -8.20 -1.74
CA LYS A 18 -13.46 -9.62 -1.90
C LYS A 18 -12.42 -10.04 -0.87
N LEU A 19 -12.51 -11.30 -0.45
CA LEU A 19 -11.64 -11.81 0.60
C LEU A 19 -11.09 -13.16 0.17
N TYR A 20 -9.77 -13.29 0.15
CA TYR A 20 -9.14 -14.57 -0.07
C TYR A 20 -8.86 -15.24 1.27
N ILE A 21 -9.41 -16.42 1.47
CA ILE A 21 -9.22 -17.24 2.66
C ILE A 21 -8.27 -18.37 2.27
N PRO A 22 -7.04 -18.40 2.78
CA PRO A 22 -6.10 -19.45 2.37
C PRO A 22 -6.51 -20.79 2.97
N SER A 23 -6.10 -21.87 2.32
N SER A 23 -6.11 -21.87 2.30
CA SER A 23 -6.51 -23.20 2.79
CA SER A 23 -6.49 -23.20 2.76
C SER A 23 -5.99 -23.48 4.18
C SER A 23 -6.00 -23.47 4.18
N GLY A 24 -4.90 -22.84 4.58
CA GLY A 24 -4.37 -23.04 5.91
C GLY A 24 -5.11 -22.31 7.02
N TYR A 25 -6.08 -21.47 6.68
CA TYR A 25 -6.90 -20.84 7.70
C TYR A 25 -7.78 -21.88 8.36
N ASN A 26 -7.76 -21.93 9.68
CA ASN A 26 -8.58 -22.86 10.42
C ASN A 26 -9.31 -22.23 11.61
N GLY A 27 -9.23 -20.91 11.78
CA GLY A 27 -9.78 -20.25 12.94
C GLY A 27 -8.99 -20.42 14.22
N SER A 28 -8.04 -21.34 14.27
CA SER A 28 -7.30 -21.61 15.50
C SER A 28 -6.07 -20.72 15.66
N THR A 29 -5.65 -20.00 14.62
CA THR A 29 -4.50 -19.11 14.67
C THR A 29 -4.91 -17.81 13.97
N PRO A 30 -4.75 -16.66 14.61
N PRO A 30 -4.69 -16.66 14.60
CA PRO A 30 -5.01 -15.39 13.92
CA PRO A 30 -4.97 -15.39 13.91
C PRO A 30 -4.03 -15.21 12.77
C PRO A 30 -4.01 -15.19 12.75
N LEU A 31 -4.58 -14.86 11.57
CA LEU A 31 -3.72 -14.70 10.40
C LEU A 31 -3.50 -13.24 10.09
N PRO A 32 -2.36 -12.93 9.46
CA PRO A 32 -2.17 -11.59 8.92
C PRO A 32 -3.22 -11.30 7.87
N LEU A 33 -3.48 -10.01 7.64
CA LEU A 33 -4.44 -9.56 6.66
C LEU A 33 -3.79 -8.47 5.81
N VAL A 34 -3.76 -8.69 4.49
CA VAL A 34 -3.27 -7.69 3.55
C VAL A 34 -4.48 -7.09 2.84
N VAL A 35 -4.64 -5.78 2.96
CA VAL A 35 -5.70 -5.06 2.24
C VAL A 35 -5.08 -4.53 0.95
N MET A 36 -5.61 -4.98 -0.18
CA MET A 36 -5.12 -4.59 -1.49
C MET A 36 -6.09 -3.61 -2.11
N LEU A 37 -5.57 -2.45 -2.53
CA LEU A 37 -6.38 -1.36 -3.06
C LEU A 37 -6.10 -1.19 -4.55
N HIS A 38 -7.09 -1.56 -5.37
CA HIS A 38 -6.92 -1.54 -6.82
C HIS A 38 -6.77 -0.11 -7.34
N GLY A 39 -6.20 -0.02 -8.54
CA GLY A 39 -6.05 1.25 -9.22
C GLY A 39 -7.26 1.62 -10.06
N CYS A 40 -7.14 2.77 -10.73
CA CYS A 40 -8.24 3.23 -11.56
C CYS A 40 -8.55 2.21 -12.63
N THR A 41 -9.84 2.13 -12.97
CA THR A 41 -10.42 1.23 -13.97
C THR A 41 -10.46 -0.23 -13.54
N GLN A 42 -9.77 -0.58 -12.45
CA GLN A 42 -9.68 -1.97 -12.02
C GLN A 42 -10.83 -2.31 -11.07
N ASN A 43 -10.77 -3.53 -10.54
CA ASN A 43 -11.75 -4.05 -9.58
C ASN A 43 -11.05 -5.16 -8.82
N PRO A 44 -11.68 -5.69 -7.75
CA PRO A 44 -11.01 -6.76 -6.98
C PRO A 44 -10.53 -7.96 -7.78
N ASP A 45 -11.36 -8.50 -8.68
CA ASP A 45 -10.97 -9.68 -9.44
C ASP A 45 -9.79 -9.38 -10.36
N ASP A 46 -9.83 -8.24 -11.06
CA ASP A 46 -8.74 -7.87 -11.95
C ASP A 46 -7.46 -7.62 -11.18
N PHE A 47 -7.55 -6.96 -10.02
CA PHE A 47 -6.35 -6.70 -9.25
C PHE A 47 -5.78 -7.98 -8.66
N ALA A 48 -6.63 -8.88 -8.18
CA ALA A 48 -6.13 -10.17 -7.71
C ALA A 48 -5.44 -10.94 -8.85
N ALA A 49 -6.05 -10.94 -10.04
CA ALA A 49 -5.50 -11.71 -11.15
C ALA A 49 -4.15 -11.16 -11.57
N GLY A 50 -3.99 -9.84 -11.57
CA GLY A 50 -2.74 -9.24 -12.01
C GLY A 50 -1.64 -9.35 -10.98
N THR A 51 -1.96 -9.04 -9.71
CA THR A 51 -0.93 -9.04 -8.68
C THR A 51 -0.54 -10.45 -8.25
N GLU A 52 -1.43 -11.42 -8.47
CA GLU A 52 -1.25 -12.79 -7.98
C GLU A 52 -1.15 -12.85 -6.46
N MET A 53 -1.65 -11.84 -5.74
CA MET A 53 -1.42 -11.81 -4.30
C MET A 53 -2.07 -13.00 -3.60
N ASN A 54 -3.14 -13.57 -4.16
CA ASN A 54 -3.77 -14.72 -3.52
C ASN A 54 -2.85 -15.94 -3.58
N VAL A 55 -1.97 -16.01 -4.57
CA VAL A 55 -1.00 -17.10 -4.65
C VAL A 55 -0.05 -17.04 -3.45
N TYR A 56 0.47 -15.85 -3.17
CA TYR A 56 1.35 -15.70 -2.02
C TYR A 56 0.59 -15.88 -0.72
N ALA A 57 -0.66 -15.46 -0.68
CA ALA A 57 -1.48 -15.65 0.52
C ALA A 57 -1.66 -17.13 0.79
N GLU A 58 -1.88 -17.92 -0.25
CA GLU A 58 -2.06 -19.35 -0.11
C GLU A 58 -0.78 -20.00 0.37
N GLN A 59 0.36 -19.58 -0.20
CA GLN A 59 1.63 -20.18 0.16
C GLN A 59 2.09 -19.81 1.56
N ASN A 60 1.77 -18.60 2.01
CA ASN A 60 2.30 -18.08 3.25
C ASN A 60 1.26 -17.99 4.35
N ASN A 61 0.01 -18.36 4.08
CA ASN A 61 -1.05 -18.37 5.07
C ASN A 61 -1.45 -16.99 5.58
N PHE A 62 -1.95 -16.14 4.69
CA PHE A 62 -2.52 -14.88 5.11
C PHE A 62 -3.81 -14.61 4.35
N LEU A 63 -4.64 -13.74 4.94
CA LEU A 63 -5.89 -13.30 4.34
C LEU A 63 -5.64 -12.08 3.46
N VAL A 64 -6.43 -11.95 2.39
CA VAL A 64 -6.31 -10.78 1.51
C VAL A 64 -7.69 -10.19 1.30
N ALA A 65 -7.85 -8.90 1.60
CA ALA A 65 -9.11 -8.21 1.37
C ALA A 65 -8.92 -7.18 0.26
N TYR A 66 -9.89 -7.10 -0.65
CA TYR A 66 -9.82 -6.19 -1.80
C TYR A 66 -11.08 -5.33 -1.81
N PRO A 67 -11.03 -4.16 -1.18
CA PRO A 67 -12.16 -3.23 -1.27
C PRO A 67 -12.35 -2.75 -2.70
N GLU A 68 -13.60 -2.54 -3.08
CA GLU A 68 -13.94 -2.12 -4.43
C GLU A 68 -14.33 -0.66 -4.44
N GLN A 69 -13.75 0.11 -5.36
CA GLN A 69 -14.17 1.49 -5.59
C GLN A 69 -15.11 1.49 -6.79
N PRO A 70 -16.39 1.79 -6.62
CA PRO A 70 -17.32 1.78 -7.75
C PRO A 70 -17.26 3.08 -8.54
N SER A 71 -17.74 3.01 -9.78
CA SER A 71 -17.76 4.20 -10.62
C SER A 71 -18.71 5.26 -10.07
N SER A 72 -19.67 4.89 -9.21
CA SER A 72 -20.52 5.89 -8.58
C SER A 72 -19.71 6.85 -7.71
N ALA A 73 -18.59 6.41 -7.15
CA ALA A 73 -17.78 7.26 -6.31
C ALA A 73 -16.70 8.02 -7.07
N ASN A 74 -16.30 7.52 -8.23
CA ASN A 74 -15.31 8.17 -9.07
C ASN A 74 -15.45 7.53 -10.43
N LEU A 75 -15.68 8.34 -11.47
CA LEU A 75 -16.03 7.79 -12.77
C LEU A 75 -14.93 6.92 -13.37
N ASN A 76 -13.68 7.11 -12.96
CA ASN A 76 -12.59 6.25 -13.41
C ASN A 76 -12.36 5.08 -12.48
N LYS A 77 -13.19 4.92 -11.44
N LYS A 77 -13.16 4.96 -11.41
CA LYS A 77 -12.98 3.94 -10.36
CA LYS A 77 -12.97 3.94 -10.38
C LYS A 77 -11.64 4.13 -9.64
C LYS A 77 -11.66 4.14 -9.61
N CYS A 78 -11.15 5.37 -9.58
CA CYS A 78 -9.99 5.68 -8.76
C CYS A 78 -10.43 5.97 -7.33
N TRP A 79 -9.66 5.47 -6.35
CA TRP A 79 -9.77 6.02 -5.01
C TRP A 79 -9.55 7.53 -5.09
N ASN A 80 -10.35 8.29 -4.35
CA ASN A 80 -10.33 9.76 -4.43
C ASN A 80 -9.24 10.37 -3.57
N TRP A 81 -7.99 9.98 -3.88
CA TRP A 81 -6.82 10.35 -3.08
C TRP A 81 -6.53 11.84 -3.11
N PHE A 82 -7.12 12.58 -4.06
CA PHE A 82 -6.88 14.00 -4.25
C PHE A 82 -7.98 14.87 -3.65
N ASP A 83 -8.92 14.28 -2.91
CA ASP A 83 -10.08 14.97 -2.38
C ASP A 83 -9.94 15.00 -0.87
N SER A 84 -9.98 16.20 -0.28
CA SER A 84 -9.81 16.32 1.17
C SER A 84 -10.84 15.51 1.97
N ASN A 85 -12.02 15.26 1.41
CA ASN A 85 -13.03 14.44 2.09
C ASN A 85 -12.60 12.98 2.21
N HIS A 86 -11.52 12.61 1.55
CA HIS A 86 -11.04 11.23 1.51
C HIS A 86 -9.59 11.12 1.95
N GLN A 87 -9.11 12.10 2.72
CA GLN A 87 -7.74 12.14 3.19
C GLN A 87 -7.62 12.09 4.70
N SER A 88 -8.73 11.94 5.43
CA SER A 88 -8.73 12.02 6.89
C SER A 88 -9.40 10.81 7.54
N ARG A 89 -8.99 10.57 8.78
CA ARG A 89 -9.61 9.52 9.59
C ARG A 89 -11.08 9.85 9.84
N GLY A 90 -11.91 8.81 9.88
CA GLY A 90 -13.26 8.95 10.36
C GLY A 90 -14.25 9.47 9.35
N ARG A 91 -13.84 9.61 8.09
N ARG A 91 -13.84 9.64 8.09
CA ARG A 91 -14.73 10.13 7.07
CA ARG A 91 -14.72 10.18 7.07
C ARG A 91 -14.34 9.51 5.74
C ARG A 91 -14.33 9.59 5.71
N GLY A 92 -15.32 9.41 4.84
CA GLY A 92 -15.05 9.04 3.47
C GLY A 92 -14.41 7.68 3.27
N GLU A 93 -13.59 7.59 2.22
CA GLU A 93 -12.98 6.32 1.85
C GLU A 93 -12.04 5.78 2.90
N PRO A 94 -11.22 6.58 3.58
CA PRO A 94 -10.42 5.99 4.67
C PRO A 94 -11.26 5.29 5.72
N ALA A 95 -12.35 5.91 6.17
CA ALA A 95 -13.20 5.26 7.15
C ALA A 95 -13.82 3.99 6.59
N SER A 96 -14.17 4.00 5.30
CA SER A 96 -14.78 2.83 4.69
C SER A 96 -13.79 1.68 4.60
N ILE A 97 -12.54 1.98 4.23
CA ILE A 97 -11.53 0.93 4.13
C ILE A 97 -11.21 0.38 5.52
N ALA A 98 -11.08 1.26 6.52
CA ALA A 98 -10.91 0.77 7.89
C ALA A 98 -12.09 -0.09 8.31
N GLY A 99 -13.29 0.25 7.83
CA GLY A 99 -14.47 -0.54 8.15
C GLY A 99 -14.45 -1.92 7.53
N VAL A 100 -13.79 -2.08 6.37
CA VAL A 100 -13.59 -3.42 5.81
C VAL A 100 -12.72 -4.24 6.75
N VAL A 101 -11.64 -3.63 7.24
CA VAL A 101 -10.77 -4.33 8.19
C VAL A 101 -11.56 -4.77 9.42
N GLU A 102 -12.37 -3.86 9.97
CA GLU A 102 -13.15 -4.20 11.15
C GLU A 102 -14.12 -5.33 10.84
N ASP A 103 -14.68 -5.35 9.63
CA ASP A 103 -15.63 -6.38 9.26
C ASP A 103 -14.93 -7.74 9.13
N VAL A 104 -13.72 -7.74 8.57
CA VAL A 104 -12.98 -9.00 8.50
C VAL A 104 -12.60 -9.47 9.89
N LYS A 105 -12.15 -8.55 10.75
CA LYS A 105 -11.80 -8.92 12.11
C LYS A 105 -12.99 -9.47 12.90
N ARG A 106 -14.20 -8.98 12.62
CA ARG A 106 -15.36 -9.50 13.33
C ARG A 106 -15.65 -10.95 12.95
N ASN A 107 -15.36 -11.33 11.70
CA ASN A 107 -15.77 -12.64 11.20
C ASN A 107 -14.65 -13.66 11.10
N TYR A 108 -13.39 -13.24 11.14
CA TYR A 108 -12.24 -14.12 10.97
C TYR A 108 -11.26 -13.86 12.09
N SER A 109 -10.44 -14.85 12.39
N SER A 109 -10.42 -14.85 12.36
CA SER A 109 -9.36 -14.68 13.34
CA SER A 109 -9.34 -14.70 13.33
C SER A 109 -8.21 -13.97 12.64
C SER A 109 -8.19 -13.96 12.64
N VAL A 110 -8.03 -12.68 12.97
CA VAL A 110 -7.05 -11.81 12.33
C VAL A 110 -6.01 -11.41 13.37
N ASP A 111 -4.74 -11.47 12.99
CA ASP A 111 -3.63 -10.99 13.81
C ASP A 111 -3.59 -9.46 13.70
N SER A 112 -4.02 -8.78 14.77
CA SER A 112 -4.14 -7.34 14.71
C SER A 112 -2.79 -6.63 14.60
N ARG A 113 -1.69 -7.31 14.87
N ARG A 113 -1.68 -7.30 14.88
CA ARG A 113 -0.37 -6.70 14.70
CA ARG A 113 -0.37 -6.71 14.71
C ARG A 113 0.16 -6.86 13.29
C ARG A 113 0.19 -6.93 13.31
N ARG A 114 -0.56 -7.58 12.42
CA ARG A 114 -0.09 -7.90 11.08
C ARG A 114 -1.18 -7.64 10.05
N VAL A 115 -1.68 -6.40 10.05
CA VAL A 115 -2.62 -5.91 9.06
C VAL A 115 -1.90 -4.84 8.24
N TYR A 116 -1.96 -4.98 6.92
CA TYR A 116 -1.17 -4.17 6.00
C TYR A 116 -2.07 -3.61 4.91
N ALA A 117 -1.65 -2.50 4.30
CA ALA A 117 -2.36 -1.94 3.16
C ALA A 117 -1.37 -1.75 2.02
N ALA A 118 -1.75 -2.19 0.82
CA ALA A 118 -0.93 -1.98 -0.36
C ALA A 118 -1.86 -1.66 -1.52
N GLY A 119 -1.34 -0.96 -2.52
CA GLY A 119 -2.18 -0.65 -3.66
C GLY A 119 -1.36 -0.11 -4.82
N LEU A 120 -2.02 -0.04 -5.96
CA LEU A 120 -1.43 0.46 -7.19
C LEU A 120 -2.07 1.80 -7.57
N SER A 121 -1.22 2.78 -7.90
CA SER A 121 -1.69 4.01 -8.53
C SER A 121 -2.59 4.79 -7.57
N ALA A 122 -3.85 5.05 -7.92
CA ALA A 122 -4.77 5.65 -6.96
C ALA A 122 -4.84 4.83 -5.68
N GLY A 123 -4.75 3.50 -5.78
CA GLY A 123 -4.71 2.66 -4.59
C GLY A 123 -3.40 2.76 -3.83
N GLY A 124 -2.30 3.08 -4.51
CA GLY A 124 -1.06 3.36 -3.80
C GLY A 124 -1.15 4.66 -3.03
N ALA A 125 -1.70 5.70 -3.67
CA ALA A 125 -1.93 6.95 -2.96
C ALA A 125 -2.89 6.74 -1.79
N MET A 126 -3.92 5.91 -1.98
CA MET A 126 -4.82 5.62 -0.87
C MET A 126 -4.18 4.80 0.22
N SER A 127 -3.22 3.94 -0.13
N SER A 127 -3.23 3.93 -0.13
CA SER A 127 -2.50 3.22 0.92
CA SER A 127 -2.49 3.20 0.90
C SER A 127 -1.71 4.19 1.79
C SER A 127 -1.68 4.16 1.78
N VAL A 128 -1.08 5.19 1.16
CA VAL A 128 -0.41 6.25 1.92
C VAL A 128 -1.40 6.91 2.89
N ILE A 129 -2.59 7.25 2.39
CA ILE A 129 -3.61 7.87 3.24
C ILE A 129 -3.98 6.95 4.39
N MET A 130 -4.13 5.64 4.14
CA MET A 130 -4.43 4.69 5.22
C MET A 130 -3.36 4.68 6.29
N GLY A 131 -2.09 4.77 5.89
CA GLY A 131 -1.02 4.80 6.87
C GLY A 131 -1.07 6.05 7.71
N ALA A 132 -1.39 7.19 7.08
CA ALA A 132 -1.43 8.46 7.81
C ALA A 132 -2.67 8.59 8.69
N THR A 133 -3.79 7.97 8.31
CA THR A 133 -5.05 8.18 9.01
C THR A 133 -5.38 7.05 9.98
N TYR A 134 -4.94 5.82 9.69
CA TYR A 134 -5.17 4.67 10.57
C TYR A 134 -3.86 3.94 10.85
N PRO A 135 -2.83 4.64 11.36
CA PRO A 135 -1.58 3.96 11.74
C PRO A 135 -1.78 2.98 12.88
N ASP A 136 -2.86 3.13 13.64
CA ASP A 136 -3.19 2.16 14.67
C ASP A 136 -3.61 0.83 14.07
N VAL A 137 -4.15 0.85 12.86
CA VAL A 137 -4.63 -0.37 12.21
C VAL A 137 -3.53 -1.03 11.38
N PHE A 138 -2.81 -0.25 10.58
CA PHE A 138 -1.93 -0.79 9.55
C PHE A 138 -0.49 -0.81 10.04
N ALA A 139 0.05 -2.02 10.20
CA ALA A 139 1.44 -2.18 10.65
C ALA A 139 2.42 -1.54 9.69
N ALA A 140 2.18 -1.69 8.38
CA ALA A 140 3.08 -1.20 7.34
C ALA A 140 2.26 -1.07 6.06
N ILE A 141 2.80 -0.31 5.11
CA ILE A 141 2.10 -0.08 3.84
C ILE A 141 3.03 -0.32 2.65
N GLY A 142 2.41 -0.67 1.53
CA GLY A 142 3.10 -0.79 0.25
C GLY A 142 2.48 0.11 -0.79
N VAL A 143 3.32 0.79 -1.56
CA VAL A 143 2.87 1.86 -2.45
C VAL A 143 3.42 1.57 -3.84
N GLY A 144 2.56 1.08 -4.72
CA GLY A 144 2.94 0.80 -6.08
C GLY A 144 2.53 1.95 -6.97
N SER A 145 3.52 2.71 -7.46
CA SER A 145 3.28 3.81 -8.40
C SER A 145 2.24 4.80 -7.88
N GLY A 146 2.44 5.26 -6.64
CA GLY A 146 1.51 6.15 -5.98
C GLY A 146 2.04 7.56 -5.81
N LEU A 147 1.46 8.27 -4.85
CA LEU A 147 1.80 9.66 -4.58
C LEU A 147 1.76 9.91 -3.08
N GLU A 148 2.49 10.93 -2.66
CA GLU A 148 2.65 11.28 -1.26
C GLU A 148 1.33 11.79 -0.66
N TYR A 149 1.32 11.88 0.67
CA TYR A 149 0.11 12.32 1.38
C TYR A 149 -0.28 13.73 0.96
N LYS A 150 -1.56 13.90 0.62
CA LYS A 150 -2.08 15.21 0.18
C LYS A 150 -1.26 15.77 -0.98
N ALA A 151 -0.88 14.88 -1.91
CA ALA A 151 -0.18 15.32 -3.12
C ALA A 151 -1.03 16.32 -3.90
N ALA A 152 -2.35 16.27 -3.75
CA ALA A 152 -3.26 17.22 -4.36
C ALA A 152 -4.50 17.31 -3.48
N THR A 153 -5.25 18.40 -3.63
CA THR A 153 -6.50 18.61 -2.90
C THR A 153 -7.63 19.01 -3.84
N SER A 154 -7.44 18.83 -5.13
CA SER A 154 -8.47 19.08 -6.12
C SER A 154 -8.14 18.23 -7.34
N MET A 155 -9.13 18.05 -8.21
CA MET A 155 -8.88 17.24 -9.39
C MET A 155 -7.89 17.94 -10.34
N THR A 156 -7.98 19.26 -10.44
CA THR A 156 -7.02 20.01 -11.26
C THR A 156 -5.60 19.83 -10.72
N SER A 157 -5.42 20.02 -9.41
CA SER A 157 -4.10 19.82 -8.83
C SER A 157 -3.66 18.35 -8.88
N ALA A 158 -4.61 17.41 -8.96
CA ALA A 158 -4.24 16.01 -9.06
C ALA A 158 -3.45 15.76 -10.32
N TYR A 159 -3.92 16.29 -11.45
CA TYR A 159 -3.23 16.03 -12.71
C TYR A 159 -1.85 16.69 -12.73
N MET A 160 -1.72 17.86 -12.10
CA MET A 160 -0.42 18.50 -11.98
C MET A 160 0.53 17.68 -11.11
N ALA A 161 0.02 17.12 -10.01
CA ALA A 161 0.88 16.32 -9.13
C ALA A 161 1.31 15.04 -9.82
N MET A 162 0.44 14.45 -10.65
CA MET A 162 0.83 13.24 -11.35
C MET A 162 2.05 13.44 -12.23
N ILE A 163 2.22 14.62 -12.82
CA ILE A 163 3.35 14.88 -13.70
C ILE A 163 4.51 15.55 -12.97
N ASN A 164 4.22 16.44 -12.02
N ASN A 164 4.22 16.44 -12.02
CA ASN A 164 5.28 17.22 -11.39
CA ASN A 164 5.24 17.25 -11.38
C ASN A 164 5.62 16.79 -9.97
C ASN A 164 5.59 16.81 -9.97
N GLY A 165 4.82 15.93 -9.37
CA GLY A 165 4.95 15.64 -7.96
C GLY A 165 4.09 16.58 -7.14
N GLY A 166 3.83 16.18 -5.90
CA GLY A 166 3.08 17.00 -5.00
C GLY A 166 3.95 18.07 -4.37
N PRO A 167 3.43 18.74 -3.35
CA PRO A 167 4.21 19.78 -2.67
C PRO A 167 5.40 19.19 -1.92
N ASP A 168 6.26 20.09 -1.44
CA ASP A 168 7.41 19.78 -0.58
C ASP A 168 7.13 18.60 0.33
N PRO A 169 7.79 17.45 0.11
CA PRO A 169 7.52 16.27 0.96
C PRO A 169 7.73 16.49 2.45
N VAL A 170 8.59 17.43 2.85
CA VAL A 170 8.74 17.70 4.28
C VAL A 170 7.46 18.28 4.84
N GLN A 171 6.88 19.26 4.14
CA GLN A 171 5.58 19.80 4.53
C GLN A 171 4.52 18.72 4.53
N GLN A 172 4.49 17.89 3.47
CA GLN A 172 3.47 16.85 3.41
C GLN A 172 3.66 15.80 4.49
N GLY A 173 4.91 15.54 4.87
CA GLY A 173 5.16 14.60 5.94
C GLY A 173 4.70 15.13 7.28
N ASN A 174 4.84 16.43 7.51
CA ASN A 174 4.28 17.02 8.71
C ASN A 174 2.76 16.99 8.69
N LEU A 175 2.15 17.20 7.52
CA LEU A 175 0.69 17.07 7.44
C LEU A 175 0.24 15.64 7.70
N ALA A 176 0.99 14.65 7.22
CA ALA A 176 0.60 13.26 7.47
C ALA A 176 0.74 12.93 8.95
N TYR A 177 1.78 13.46 9.60
CA TYR A 177 1.90 13.29 11.04
C TYR A 177 0.71 13.91 11.78
N GLN A 178 0.30 15.11 11.36
CA GLN A 178 -0.89 15.72 11.93
C GLN A 178 -2.12 14.86 11.68
N ALA A 179 -2.21 14.26 10.49
CA ALA A 179 -3.33 13.38 10.19
C ALA A 179 -3.36 12.18 11.11
N MET A 180 -2.20 11.73 11.59
CA MET A 180 -2.18 10.62 12.53
C MET A 180 -2.81 10.98 13.86
N GLY A 181 -2.86 12.28 14.19
CA GLY A 181 -3.49 12.72 15.42
C GLY A 181 -2.98 11.96 16.61
N SER A 182 -3.92 11.44 17.39
CA SER A 182 -3.67 10.75 18.64
C SER A 182 -3.26 9.30 18.45
N HIS A 183 -3.00 8.88 17.21
CA HIS A 183 -2.71 7.49 16.90
C HIS A 183 -1.31 7.30 16.36
N ALA A 184 -0.47 8.32 16.42
CA ALA A 184 0.79 8.32 15.67
C ALA A 184 1.72 7.20 16.11
N ARG A 185 2.36 6.58 15.11
CA ARG A 185 3.42 5.60 15.28
C ARG A 185 4.16 5.52 13.97
N VAL A 186 5.38 5.00 14.02
CA VAL A 186 6.13 4.76 12.79
C VAL A 186 5.40 3.71 11.96
N VAL A 187 5.23 4.01 10.68
CA VAL A 187 4.62 3.10 9.73
C VAL A 187 5.66 2.79 8.65
N PRO A 188 6.25 1.61 8.69
CA PRO A 188 7.19 1.22 7.61
C PRO A 188 6.49 1.20 6.26
N VAL A 189 7.24 1.57 5.23
CA VAL A 189 6.72 1.75 3.88
C VAL A 189 7.66 1.12 2.86
N ILE A 190 7.07 0.40 1.90
CA ILE A 190 7.81 -0.10 0.75
C ILE A 190 7.17 0.49 -0.51
N VAL A 191 8.01 1.12 -1.34
CA VAL A 191 7.57 1.82 -2.55
C VAL A 191 8.11 1.08 -3.76
N PHE A 192 7.27 0.92 -4.77
CA PHE A 192 7.68 0.52 -6.11
C PHE A 192 7.32 1.63 -7.07
N HIS A 193 8.18 1.87 -8.05
CA HIS A 193 7.83 2.82 -9.11
C HIS A 193 8.66 2.51 -10.34
N GLY A 194 8.06 2.68 -11.51
CA GLY A 194 8.77 2.52 -12.78
C GLY A 194 9.46 3.82 -13.19
N THR A 195 10.69 3.69 -13.71
CA THR A 195 11.43 4.88 -14.11
C THR A 195 10.94 5.47 -15.43
N SER A 196 10.10 4.76 -16.17
CA SER A 196 9.50 5.25 -17.40
C SER A 196 7.98 5.32 -17.27
N ASP A 197 7.52 5.77 -16.12
CA ASP A 197 6.10 5.94 -15.87
C ASP A 197 5.69 7.32 -16.39
N TYR A 198 4.86 7.34 -17.43
CA TYR A 198 4.38 8.58 -18.03
C TYR A 198 2.99 8.95 -17.56
N THR A 199 2.46 8.25 -16.57
CA THR A 199 1.16 8.56 -15.98
C THR A 199 1.31 9.19 -14.60
N VAL A 200 2.00 8.51 -13.68
CA VAL A 200 2.42 9.09 -12.42
C VAL A 200 3.95 9.13 -12.47
N TYR A 201 4.50 10.31 -12.73
CA TYR A 201 5.93 10.41 -12.92
C TYR A 201 6.69 9.91 -11.68
N PRO A 202 7.87 9.31 -11.88
N PRO A 202 7.87 9.32 -11.89
CA PRO A 202 8.56 8.66 -10.76
CA PRO A 202 8.59 8.67 -10.77
C PRO A 202 8.99 9.62 -9.65
C PRO A 202 8.99 9.62 -9.65
N VAL A 203 9.04 10.93 -9.91
CA VAL A 203 9.25 11.90 -8.83
C VAL A 203 8.32 11.62 -7.67
N ASN A 204 7.11 11.14 -7.97
CA ASN A 204 6.14 10.84 -6.93
C ASN A 204 6.59 9.69 -6.04
N GLY A 205 7.20 8.65 -6.61
CA GLY A 205 7.72 7.57 -5.79
C GLY A 205 8.83 8.04 -4.88
N HIS A 206 9.73 8.88 -5.40
CA HIS A 206 10.77 9.47 -4.55
C HIS A 206 10.16 10.29 -3.43
N GLN A 207 9.11 11.05 -3.74
CA GLN A 207 8.46 11.87 -2.72
C GLN A 207 7.78 11.03 -1.65
N VAL A 208 7.20 9.89 -2.02
CA VAL A 208 6.56 9.05 -1.01
C VAL A 208 7.55 8.72 0.10
N ILE A 209 8.77 8.32 -0.29
CA ILE A 209 9.82 8.02 0.68
C ILE A 209 10.19 9.25 1.50
N SER A 210 10.41 10.39 0.83
CA SER A 210 10.78 11.60 1.55
C SER A 210 9.69 12.06 2.50
N GLN A 211 8.44 11.95 2.07
CA GLN A 211 7.31 12.32 2.92
C GLN A 211 7.23 11.41 4.13
N TRP A 212 7.41 10.09 3.94
CA TRP A 212 7.36 9.16 5.05
C TRP A 212 8.59 9.23 5.95
N ALA A 213 9.76 9.59 5.41
CA ALA A 213 10.90 9.86 6.30
C ALA A 213 10.52 10.93 7.31
N GLN A 214 9.94 12.03 6.83
CA GLN A 214 9.54 13.11 7.73
C GLN A 214 8.45 12.65 8.69
N THR A 215 7.41 11.97 8.19
CA THR A 215 6.34 11.54 9.08
C THR A 215 6.86 10.57 10.13
N ASN A 216 7.65 9.60 9.70
CA ASN A 216 8.15 8.60 10.64
C ASN A 216 9.18 9.18 11.59
N ASP A 217 9.91 10.21 11.17
CA ASP A 217 10.80 10.90 12.09
C ASP A 217 10.00 11.61 13.18
N ARG A 218 8.89 12.25 12.81
CA ARG A 218 8.05 12.88 13.84
C ARG A 218 7.40 11.85 14.74
N ALA A 219 7.02 10.70 14.20
CA ALA A 219 6.21 9.74 14.96
C ALA A 219 7.05 8.82 15.83
N GLY A 220 8.35 8.70 15.59
CA GLY A 220 9.15 7.79 16.39
C GLY A 220 9.21 8.26 17.85
N ASP A 221 9.02 7.32 18.77
CA ASP A 221 9.15 7.67 20.19
C ASP A 221 10.50 8.27 20.53
N GLY A 222 10.50 9.13 21.55
CA GLY A 222 11.74 9.68 22.06
C GLY A 222 12.21 10.91 21.30
N VAL A 223 12.71 11.90 22.04
CA VAL A 223 13.14 13.13 21.40
C VAL A 223 14.50 12.95 20.71
N ASP A 224 15.35 12.07 21.21
CA ASP A 224 16.66 11.85 20.61
C ASP A 224 16.86 10.42 20.14
N ASN A 225 15.77 9.68 19.88
CA ASN A 225 15.86 8.29 19.47
C ASN A 225 14.91 8.04 18.31
N ASN A 226 15.15 6.93 17.62
CA ASN A 226 14.24 6.45 16.59
C ASN A 226 14.12 7.42 15.41
N HIS A 227 15.14 8.23 15.18
CA HIS A 227 15.09 9.16 14.07
C HIS A 227 15.34 8.45 12.74
N ILE A 228 14.88 9.09 11.67
CA ILE A 228 15.01 8.50 10.34
C ILE A 228 14.99 9.62 9.30
N ASP A 229 15.80 9.43 8.26
CA ASP A 229 15.87 10.36 7.13
C ASP A 229 15.57 9.63 5.82
N ASP A 230 15.63 10.40 4.73
CA ASP A 230 15.40 9.88 3.39
C ASP A 230 16.69 9.65 2.63
N GLN A 231 17.82 9.45 3.32
CA GLN A 231 19.09 9.13 2.69
C GLN A 231 19.24 7.62 2.69
N ALA A 232 19.40 7.03 1.50
CA ALA A 232 19.48 5.57 1.43
C ALA A 232 20.73 5.08 2.13
N ASP A 233 20.55 4.13 3.05
CA ASP A 233 21.68 3.55 3.75
C ASP A 233 22.34 2.46 2.92
N VAL A 234 21.55 1.76 2.09
CA VAL A 234 22.02 0.67 1.26
C VAL A 234 21.38 0.82 -0.12
N THR A 235 22.18 0.66 -1.16
CA THR A 235 21.71 0.66 -2.54
C THR A 235 22.03 -0.70 -3.12
N MET A 236 21.01 -1.46 -3.45
CA MET A 236 21.24 -2.78 -4.01
C MET A 236 20.66 -2.92 -5.42
N ASN A 237 21.30 -3.76 -6.25
N ASN A 237 21.34 -3.75 -6.21
CA ASN A 237 20.99 -3.80 -7.68
CA ASN A 237 21.02 -3.94 -7.61
C ASN A 237 20.34 -5.13 -8.06
C ASN A 237 20.15 -5.18 -7.77
N GLY A 238 19.13 -5.06 -8.60
CA GLY A 238 18.33 -6.22 -8.92
C GLY A 238 18.26 -6.48 -10.40
N SER A 239 18.02 -7.73 -10.77
CA SER A 239 17.90 -8.09 -12.18
C SER A 239 16.96 -9.28 -12.27
N VAL A 240 15.89 -9.14 -13.05
CA VAL A 240 14.99 -10.25 -13.35
C VAL A 240 15.54 -11.00 -14.56
N PRO A 241 15.78 -12.30 -14.47
CA PRO A 241 16.20 -13.06 -15.64
C PRO A 241 15.20 -12.89 -16.77
N ASN A 242 15.71 -12.49 -17.95
CA ASN A 242 14.90 -12.23 -19.13
C ASN A 242 13.91 -11.08 -18.90
N GLY A 243 14.18 -10.23 -17.91
CA GLY A 243 13.31 -9.13 -17.58
C GLY A 243 14.05 -7.85 -17.27
N ARG A 244 13.49 -7.03 -16.38
CA ARG A 244 14.03 -5.71 -16.12
C ARG A 244 15.06 -5.73 -15.01
N THR A 245 15.92 -4.73 -15.03
CA THR A 245 16.77 -4.42 -13.89
C THR A 245 16.07 -3.41 -12.99
N TYR A 246 16.56 -3.30 -11.76
CA TYR A 246 15.98 -2.39 -10.80
C TYR A 246 17.02 -2.07 -9.73
N THR A 247 16.75 -0.98 -9.02
CA THR A 247 17.54 -0.59 -7.85
C THR A 247 16.63 -0.65 -6.63
N ARG A 248 17.15 -1.21 -5.56
CA ARG A 248 16.41 -1.37 -4.31
C ARG A 248 17.18 -0.61 -3.24
N TYR A 249 16.55 0.42 -2.70
CA TYR A 249 17.17 1.26 -1.67
C TYR A 249 16.56 0.93 -0.32
N LEU A 250 17.42 0.83 0.69
CA LEU A 250 17.00 0.56 2.06
C LEU A 250 17.24 1.80 2.90
N TYR A 251 16.24 2.19 3.68
CA TYR A 251 16.30 3.36 4.56
C TYR A 251 16.22 2.88 6.00
N LYS A 252 17.30 3.06 6.74
CA LYS A 252 17.37 2.63 8.13
C LYS A 252 17.07 3.78 9.09
N ASP A 253 16.54 3.42 10.24
CA ASP A 253 16.38 4.37 11.33
C ASP A 253 17.65 4.42 12.16
N GLN A 254 17.59 5.26 13.20
CA GLN A 254 18.72 5.51 14.08
C GLN A 254 19.25 4.22 14.71
N ASN A 255 18.39 3.23 14.90
CA ASN A 255 18.78 1.96 15.49
C ASN A 255 19.41 1.01 14.51
N GLY A 256 19.47 1.38 13.24
CA GLY A 256 19.99 0.51 12.20
C GLY A 256 18.99 -0.44 11.60
N ASN A 257 17.71 -0.32 11.92
CA ASN A 257 16.69 -1.21 11.37
C ASN A 257 16.14 -0.61 10.08
N VAL A 258 15.94 -1.46 9.09
CA VAL A 258 15.32 -1.00 7.84
C VAL A 258 13.87 -0.69 8.12
N VAL A 259 13.48 0.56 7.86
CA VAL A 259 12.11 1.01 8.06
C VAL A 259 11.39 1.30 6.74
N MET A 260 12.12 1.66 5.69
CA MET A 260 11.54 1.87 4.38
C MET A 260 12.40 1.27 3.29
N GLU A 261 11.74 0.93 2.18
CA GLU A 261 12.43 0.44 0.99
C GLU A 261 11.82 1.12 -0.23
N LYS A 262 12.64 1.36 -1.24
CA LYS A 262 12.19 1.92 -2.52
C LYS A 262 12.78 1.09 -3.63
N ILE A 263 11.91 0.56 -4.51
CA ILE A 263 12.34 -0.23 -5.65
C ILE A 263 11.96 0.55 -6.91
N MET A 264 12.98 1.04 -7.62
CA MET A 264 12.82 1.71 -8.90
C MET A 264 13.11 0.71 -10.01
N VAL A 265 12.10 0.40 -10.82
CA VAL A 265 12.20 -0.61 -11.87
C VAL A 265 12.54 0.08 -13.18
N ASN A 266 13.69 -0.27 -13.76
CA ASN A 266 14.21 0.47 -14.90
C ASN A 266 13.37 0.22 -16.15
N GLY A 267 12.81 1.29 -16.70
CA GLY A 267 12.04 1.22 -17.92
C GLY A 267 10.60 0.80 -17.74
N MET A 268 10.18 0.48 -16.52
CA MET A 268 8.80 0.07 -16.31
C MET A 268 7.89 1.29 -16.38
N GLY A 269 6.70 1.08 -16.94
CA GLY A 269 5.69 2.11 -16.99
C GLY A 269 4.81 2.13 -15.76
N HIS A 270 3.56 2.56 -15.95
CA HIS A 270 2.60 2.63 -14.86
C HIS A 270 1.95 1.27 -14.73
N ALA A 271 2.44 0.45 -13.80
CA ALA A 271 2.03 -0.94 -13.71
C ALA A 271 2.49 -1.50 -12.38
N TRP A 272 1.76 -2.52 -11.91
CA TRP A 272 2.25 -3.35 -10.82
C TRP A 272 3.45 -4.15 -11.30
N SER A 273 4.52 -4.15 -10.52
CA SER A 273 5.74 -4.83 -10.94
C SER A 273 5.59 -6.34 -10.79
N GLY A 274 5.97 -7.08 -11.82
CA GLY A 274 5.79 -8.53 -11.82
C GLY A 274 4.36 -8.89 -12.15
N GLY A 275 3.92 -10.02 -11.60
CA GLY A 275 2.53 -10.41 -11.75
C GLY A 275 2.24 -11.07 -13.09
N SER A 276 0.97 -10.98 -13.50
CA SER A 276 0.45 -11.76 -14.60
C SER A 276 -0.29 -10.88 -15.59
N THR A 277 -0.19 -11.23 -16.88
CA THR A 277 -0.99 -10.57 -17.90
C THR A 277 -2.48 -10.87 -17.76
N ALA A 278 -2.87 -11.75 -16.84
CA ALA A 278 -4.28 -12.02 -16.59
C ALA A 278 -5.00 -10.81 -16.01
N GLY A 279 -4.26 -9.84 -15.48
CA GLY A 279 -4.85 -8.61 -14.99
C GLY A 279 -4.28 -7.41 -15.71
N THR A 280 -5.01 -6.30 -15.70
CA THR A 280 -4.56 -5.07 -16.34
C THR A 280 -3.46 -4.43 -15.50
N TYR A 281 -2.68 -3.57 -16.15
CA TYR A 281 -1.70 -2.74 -15.47
C TYR A 281 -0.72 -3.56 -14.64
N THR A 282 -0.10 -4.56 -15.27
CA THR A 282 1.00 -5.29 -14.69
C THR A 282 2.16 -5.30 -15.67
N ASP A 283 3.36 -5.55 -15.16
CA ASP A 283 4.54 -5.74 -16.00
C ASP A 283 5.29 -6.97 -15.51
N PRO A 284 4.99 -8.13 -16.10
CA PRO A 284 5.65 -9.37 -15.65
C PRO A 284 7.16 -9.38 -15.79
N ALA A 285 7.75 -8.42 -16.51
CA ALA A 285 9.21 -8.35 -16.61
C ALA A 285 9.84 -7.71 -15.40
N GLY A 286 9.07 -7.00 -14.59
CA GLY A 286 9.61 -6.43 -13.37
C GLY A 286 9.70 -7.47 -12.26
N PRO A 287 10.39 -7.08 -11.18
CA PRO A 287 10.45 -7.97 -10.01
C PRO A 287 9.07 -8.12 -9.37
N GLU A 288 8.92 -9.20 -8.61
CA GLU A 288 7.60 -9.57 -8.07
C GLU A 288 7.27 -8.69 -6.87
N ALA A 289 6.59 -7.58 -7.13
CA ALA A 289 6.20 -6.68 -6.04
C ALA A 289 5.36 -7.40 -4.99
N SER A 290 4.47 -8.32 -5.40
CA SER A 290 3.64 -8.97 -4.40
C SER A 290 4.47 -9.76 -3.41
N SER A 291 5.48 -10.48 -3.90
CA SER A 291 6.35 -11.28 -3.04
C SER A 291 7.23 -10.40 -2.17
N MET A 292 7.82 -9.37 -2.77
CA MET A 292 8.68 -8.47 -2.02
C MET A 292 7.92 -7.66 -0.97
N MET A 293 6.72 -7.22 -1.30
CA MET A 293 5.90 -6.48 -0.34
C MET A 293 5.53 -7.41 0.82
N TRP A 294 5.13 -8.66 0.53
CA TRP A 294 4.83 -9.60 1.62
C TRP A 294 6.05 -9.80 2.52
N SER A 295 7.23 -10.00 1.92
N SER A 295 7.23 -10.00 1.92
CA SER A 295 8.43 -10.17 2.73
CA SER A 295 8.42 -10.18 2.73
C SER A 295 8.67 -8.96 3.62
C SER A 295 8.65 -8.96 3.63
N PHE A 296 8.48 -7.76 3.06
CA PHE A 296 8.60 -6.55 3.87
C PHE A 296 7.56 -6.53 4.98
N PHE A 297 6.31 -6.89 4.66
CA PHE A 297 5.25 -6.88 5.67
C PHE A 297 5.56 -7.85 6.82
N VAL A 298 6.01 -9.08 6.52
N VAL A 298 6.02 -9.07 6.48
CA VAL A 298 6.29 -10.02 7.62
CA VAL A 298 6.39 -10.09 7.46
C VAL A 298 7.39 -9.51 8.52
C VAL A 298 7.36 -9.53 8.46
N ASN A 299 8.32 -8.75 7.97
CA ASN A 299 9.39 -8.23 8.78
C ASN A 299 9.01 -6.95 9.51
N HIS A 300 7.77 -6.47 9.34
CA HIS A 300 7.36 -5.21 9.97
C HIS A 300 5.96 -5.33 10.60
N PRO A 301 5.77 -6.25 11.55
CA PRO A 301 4.55 -6.22 12.35
C PRO A 301 4.53 -5.00 13.25
N LYS A 302 3.35 -4.68 13.79
CA LYS A 302 3.26 -3.55 14.74
C LYS A 302 4.14 -3.78 15.96
C1 EDO B . -1.70 2.48 18.25
O1 EDO B . -0.92 1.44 17.66
C2 EDO B . -1.26 3.82 17.70
O2 EDO B . 0.10 4.04 18.07
C1 EDO C . 0.89 0.94 -18.98
O1 EDO C . 1.43 0.02 -18.02
C2 EDO C . 1.96 1.92 -19.41
O2 EDO C . 2.11 2.91 -18.39
C1 EDO D . -6.74 11.47 -10.90
O1 EDO D . -7.31 10.22 -11.34
C2 EDO D . -7.54 12.64 -11.46
O2 EDO D . -8.92 12.30 -11.59
C1 EDO E . 8.78 8.99 -17.79
O1 EDO E . 8.82 9.20 -16.38
C2 EDO E . 10.19 9.20 -18.34
O2 EDO E . 10.58 10.55 -18.10
C1 IPA F . 13.85 11.27 -2.69
C2 IPA F . 13.85 10.22 -1.60
C3 IPA F . 15.29 10.00 -1.20
O2 IPA F . 13.23 9.04 -2.06
C1 IPA G . 9.40 2.63 19.90
C2 IPA G . 10.74 1.94 20.10
C3 IPA G . 11.54 2.71 21.14
O2 IPA G . 11.43 1.90 18.87
C1 EDO H . 4.65 10.36 18.30
O1 EDO H . 4.32 9.07 17.76
C2 EDO H . 5.76 10.19 19.33
O2 EDO H . 6.60 11.35 19.31
C1 IPA I . -4.33 7.96 -11.88
C2 IPA I . -4.44 7.79 -10.38
C3 IPA I . -3.15 8.18 -9.69
O2 IPA I . -5.52 8.54 -9.84
C1 EDO J . 12.14 16.11 14.72
O1 EDO J . 13.29 15.30 14.51
C2 EDO J . 11.01 15.22 15.21
O2 EDO J . 11.39 14.59 16.45
C1 EDO K . -3.41 -1.58 -19.31
O1 EDO K . -3.48 -2.93 -18.84
C2 EDO K . -1.95 -1.17 -19.50
O2 EDO K . -1.29 -2.03 -20.43
C1 EDO L . 3.58 5.05 19.02
O1 EDO L . 2.87 6.28 19.28
C2 EDO L . 3.18 3.93 19.96
O2 EDO L . 1.95 3.29 19.56
C1 IPA M . -4.15 4.25 -14.06
C2 IPA M . -4.65 3.24 -13.06
C3 IPA M . -3.63 2.13 -12.86
O2 IPA M . -4.86 3.87 -11.82
C1 EDO N . 17.82 6.96 -3.06
O1 EDO N . 16.90 7.70 -2.24
C2 EDO N . 17.99 7.63 -4.41
O2 EDO N . 16.74 7.68 -5.09
C1 EDO O . -20.05 7.74 -0.81
O1 EDO O . -21.24 7.39 -0.10
C2 EDO O . -20.08 7.02 -2.15
O2 EDO O . -20.23 7.96 -3.23
#